data_7FJH
#
_entry.id   7FJH
#
_cell.length_a   48.978
_cell.length_b   51.678
_cell.length_c   160.532
_cell.angle_alpha   90.000
_cell.angle_beta   90.000
_cell.angle_gamma   90.000
#
_symmetry.space_group_name_H-M   'P 21 21 21'
#
loop_
_entity.id
_entity.type
_entity.pdbx_description
1 polymer 'PA-I galactophilic lectin'
2 non-polymer N-oxidanyl-4-phenyl-butanamide
3 non-polymer 'CALCIUM ION'
4 water water
#
_entity_poly.entity_id   1
_entity_poly.type   'polypeptide(L)'
_entity_poly.pdbx_seq_one_letter_code
;AWKGEVLANNEAGQVTSIIYNPGDVITIVAAGWASYGPTQKWGPQGDREHPDQGLICHDAFCGALVMKIGNSGTIPVNTG
LFRWVAPNNVQGAITLIYNDVPGTYGNNSGSFSVNIGKDQS
;
_entity_poly.pdbx_strand_id   A,B,C,D
#
# COMPACT_ATOMS: atom_id res chain seq x y z
N ALA A 1 8.85 -3.68 6.19
CA ALA A 1 9.05 -3.33 7.57
C ALA A 1 9.97 -4.29 8.33
N TRP A 2 10.38 -5.47 7.85
CA TRP A 2 11.53 -6.21 8.44
C TRP A 2 12.54 -6.53 7.34
N LYS A 3 13.82 -6.28 7.61
CA LYS A 3 14.96 -6.65 6.74
C LYS A 3 16.01 -7.37 7.60
N GLY A 4 16.55 -8.48 7.13
CA GLY A 4 17.52 -9.25 7.92
C GLY A 4 18.04 -10.43 7.14
N GLU A 5 18.75 -11.30 7.84
CA GLU A 5 19.50 -12.43 7.24
C GLU A 5 19.05 -13.69 7.94
N VAL A 6 18.92 -14.77 7.19
CA VAL A 6 18.66 -16.11 7.77
C VAL A 6 19.84 -17.00 7.40
N LEU A 7 20.55 -17.49 8.42
CA LEU A 7 21.70 -18.41 8.25
C LEU A 7 21.21 -19.82 7.91
N ALA A 8 21.88 -20.42 6.94
CA ALA A 8 21.55 -21.79 6.49
C ALA A 8 21.80 -22.79 7.63
N ASN A 9 22.75 -22.51 8.51
CA ASN A 9 23.17 -23.49 9.56
C ASN A 9 22.33 -23.29 10.84
N ASN A 10 21.30 -22.45 10.82
CA ASN A 10 20.47 -22.15 12.01
C ASN A 10 19.21 -23.03 11.99
N GLU A 11 19.25 -24.15 12.72
CA GLU A 11 18.13 -25.12 12.74
C GLU A 11 16.85 -24.49 13.31
N ALA A 12 16.96 -23.54 14.23
CA ALA A 12 15.78 -22.92 14.90
C ALA A 12 15.17 -21.86 14.00
N GLY A 13 15.91 -21.38 13.01
CA GLY A 13 15.46 -20.30 12.12
C GLY A 13 15.60 -18.94 12.77
N GLN A 14 15.25 -17.90 12.02
CA GLN A 14 15.41 -16.48 12.43
C GLN A 14 14.01 -15.94 12.72
N VAL A 15 13.74 -15.57 13.96
CA VAL A 15 12.47 -14.96 14.38
C VAL A 15 12.45 -13.52 13.87
N THR A 16 11.44 -13.15 13.09
CA THR A 16 11.32 -11.73 12.63
C THR A 16 10.44 -10.98 13.62
N SER A 17 10.32 -9.66 13.42
CA SER A 17 9.42 -8.80 14.22
C SER A 17 8.03 -8.72 13.58
N ILE A 18 7.82 -9.42 12.46
CA ILE A 18 6.52 -9.40 11.76
C ILE A 18 5.59 -10.39 12.44
N ILE A 19 4.47 -9.86 12.97
CA ILE A 19 3.36 -10.70 13.47
C ILE A 19 2.31 -10.76 12.37
N TYR A 20 2.13 -11.95 11.79
CA TYR A 20 1.07 -12.16 10.81
C TYR A 20 -0.27 -12.23 11.57
N ASN A 21 -1.20 -11.33 11.25
CA ASN A 21 -2.56 -11.33 11.84
C ASN A 21 -3.57 -11.73 10.78
N PRO A 22 -4.72 -12.32 11.17
CA PRO A 22 -5.75 -12.71 10.20
C PRO A 22 -6.11 -11.56 9.25
N GLY A 23 -6.23 -11.85 7.97
CA GLY A 23 -6.53 -10.89 6.91
C GLY A 23 -5.26 -10.20 6.36
N ASP A 24 -4.10 -10.31 7.02
CA ASP A 24 -2.88 -9.59 6.55
C ASP A 24 -2.47 -10.10 5.16
N VAL A 25 -2.07 -9.16 4.32
CA VAL A 25 -1.43 -9.40 3.00
C VAL A 25 0.05 -9.06 3.15
N ILE A 26 0.94 -9.98 2.81
CA ILE A 26 2.39 -9.75 2.96
C ILE A 26 3.12 -9.97 1.65
N THR A 27 4.26 -9.30 1.57
CA THR A 27 5.21 -9.50 0.47
C THR A 27 6.54 -9.85 1.09
N ILE A 28 7.18 -10.88 0.54
CA ILE A 28 8.55 -11.29 0.95
C ILE A 28 9.39 -11.31 -0.33
N VAL A 29 10.60 -10.78 -0.26
CA VAL A 29 11.66 -10.99 -1.27
C VAL A 29 12.90 -11.54 -0.58
N ALA A 30 13.46 -12.61 -1.09
CA ALA A 30 14.67 -13.27 -0.54
C ALA A 30 15.74 -13.36 -1.62
N ALA A 31 16.98 -13.08 -1.24
CA ALA A 31 18.15 -13.17 -2.14
C ALA A 31 19.29 -13.89 -1.43
N GLY A 32 20.30 -14.30 -2.19
CA GLY A 32 21.57 -14.78 -1.66
C GLY A 32 21.87 -16.21 -2.03
N TRP A 33 22.92 -16.75 -1.41
CA TRP A 33 23.52 -18.05 -1.76
C TRP A 33 23.77 -18.86 -0.50
N ALA A 34 23.41 -20.13 -0.51
CA ALA A 34 23.64 -21.03 0.65
C ALA A 34 23.85 -22.45 0.20
N SER A 35 24.36 -23.28 1.13
CA SER A 35 24.54 -24.73 0.90
C SER A 35 24.06 -25.51 2.12
N TYR A 36 23.46 -26.67 1.83
CA TYR A 36 23.03 -27.69 2.80
C TYR A 36 24.15 -28.70 3.04
N GLY A 37 25.33 -28.51 2.43
CA GLY A 37 26.49 -29.38 2.71
C GLY A 37 27.46 -29.47 1.53
N PRO A 38 26.97 -29.74 0.31
CA PRO A 38 27.86 -29.88 -0.84
C PRO A 38 28.64 -28.60 -1.12
N THR A 39 29.70 -28.78 -1.93
CA THR A 39 30.65 -27.73 -2.33
C THR A 39 30.08 -27.03 -3.55
N GLN A 40 28.84 -26.55 -3.43
CA GLN A 40 28.14 -25.68 -4.42
C GLN A 40 27.23 -24.76 -3.60
N LYS A 41 26.64 -23.76 -4.21
CA LYS A 41 25.64 -22.91 -3.52
C LYS A 41 24.42 -22.80 -4.41
N TRP A 42 23.28 -22.56 -3.75
CA TRP A 42 21.97 -22.43 -4.39
C TRP A 42 21.31 -21.18 -3.84
N GLY A 43 20.41 -20.60 -4.63
CA GLY A 43 19.55 -19.51 -4.24
C GLY A 43 18.41 -20.00 -3.35
N PRO A 44 17.47 -19.09 -3.05
CA PRO A 44 16.40 -19.36 -2.11
C PRO A 44 15.36 -20.41 -2.54
N GLN A 45 15.40 -20.86 -3.79
CA GLN A 45 14.54 -22.04 -4.20
C GLN A 45 15.26 -23.36 -3.88
N GLY A 46 16.54 -23.31 -3.53
CA GLY A 46 17.29 -24.54 -3.16
C GLY A 46 17.73 -25.36 -4.38
N ASP A 47 17.93 -26.66 -4.19
CA ASP A 47 18.54 -27.59 -5.15
C ASP A 47 17.46 -28.58 -5.61
N ARG A 48 16.99 -28.46 -6.83
CA ARG A 48 15.93 -29.35 -7.38
C ARG A 48 16.45 -30.78 -7.54
N GLU A 49 17.78 -30.98 -7.55
CA GLU A 49 18.40 -32.31 -7.85
C GLU A 49 18.47 -33.17 -6.58
N HIS A 50 18.36 -32.58 -5.40
CA HIS A 50 18.62 -33.33 -4.15
C HIS A 50 17.33 -33.98 -3.68
N PRO A 51 17.32 -35.31 -3.44
CA PRO A 51 16.12 -35.95 -2.90
C PRO A 51 15.80 -35.46 -1.47
N ASP A 52 14.51 -35.49 -1.15
CA ASP A 52 13.93 -35.22 0.18
C ASP A 52 14.14 -36.46 1.07
N GLN A 53 15.01 -36.36 2.07
CA GLN A 53 15.29 -37.45 3.04
C GLN A 53 14.82 -37.00 4.43
N GLY A 54 13.68 -36.30 4.52
CA GLY A 54 13.06 -35.86 5.78
C GLY A 54 13.22 -34.36 6.00
N LEU A 55 13.03 -33.56 4.95
CA LEU A 55 13.07 -32.09 5.05
C LEU A 55 11.98 -31.59 5.99
N ILE A 56 12.22 -30.45 6.64
CA ILE A 56 11.19 -29.81 7.53
C ILE A 56 10.03 -29.35 6.67
N CYS A 57 10.23 -29.10 5.37
CA CYS A 57 9.15 -28.70 4.43
C CYS A 57 9.21 -29.61 3.21
N HIS A 58 8.20 -30.49 3.06
CA HIS A 58 8.16 -31.43 1.91
C HIS A 58 7.74 -30.72 0.62
N ASP A 59 7.20 -29.51 0.72
CA ASP A 59 6.66 -28.74 -0.44
C ASP A 59 7.72 -27.77 -1.02
N ALA A 60 8.97 -27.85 -0.56
CA ALA A 60 10.07 -27.03 -1.11
C ALA A 60 11.31 -27.88 -1.21
N PHE A 61 12.23 -27.50 -2.09
CA PHE A 61 13.49 -28.24 -2.31
C PHE A 61 14.40 -28.07 -1.12
N CYS A 62 15.30 -29.04 -0.95
CA CYS A 62 16.41 -28.93 0.01
C CYS A 62 17.19 -27.63 -0.27
N GLY A 63 17.45 -26.82 0.74
CA GLY A 63 18.15 -25.52 0.63
C GLY A 63 17.23 -24.37 0.26
N ALA A 64 15.93 -24.56 0.25
CA ALA A 64 14.97 -23.46 -0.02
C ALA A 64 14.71 -22.67 1.26
N LEU A 65 14.30 -21.42 1.12
CA LEU A 65 13.76 -20.62 2.26
C LEU A 65 12.33 -21.05 2.54
N VAL A 66 12.03 -21.35 3.81
CA VAL A 66 10.64 -21.66 4.25
C VAL A 66 10.35 -20.84 5.49
N MET A 67 9.13 -20.90 5.98
CA MET A 67 8.78 -20.11 7.18
C MET A 67 7.75 -20.89 7.99
N LYS A 68 7.65 -20.48 9.24
CA LYS A 68 6.51 -20.79 10.12
C LYS A 68 5.88 -19.48 10.55
N ILE A 69 4.57 -19.50 10.69
CA ILE A 69 3.79 -18.37 11.23
C ILE A 69 3.22 -18.85 12.58
N GLY A 70 3.62 -18.22 13.67
CA GLY A 70 3.39 -18.75 15.02
C GLY A 70 3.74 -20.23 15.08
N ASN A 71 2.78 -21.08 15.41
CA ASN A 71 2.96 -22.55 15.55
C ASN A 71 2.46 -23.30 14.32
N SER A 72 2.30 -22.64 13.16
CA SER A 72 1.99 -23.32 11.89
C SER A 72 3.09 -24.35 11.56
N GLY A 73 2.79 -25.27 10.66
CA GLY A 73 3.82 -26.07 10.02
C GLY A 73 4.60 -25.17 9.04
N THR A 74 5.59 -25.75 8.39
CA THR A 74 6.43 -24.99 7.42
C THR A 74 5.58 -24.64 6.20
N ILE A 75 5.87 -23.46 5.67
CA ILE A 75 5.23 -22.88 4.46
C ILE A 75 6.37 -22.45 3.54
N PRO A 76 6.39 -22.88 2.28
CA PRO A 76 7.44 -22.45 1.33
C PRO A 76 7.42 -20.94 1.10
N VAL A 77 8.60 -20.33 1.11
CA VAL A 77 8.82 -18.91 0.73
C VAL A 77 9.58 -18.86 -0.59
N ASN A 78 10.67 -19.65 -0.71
CA ASN A 78 11.52 -19.64 -1.93
C ASN A 78 12.03 -18.22 -2.15
N THR A 79 11.90 -17.67 -3.38
CA THR A 79 12.43 -16.33 -3.70
C THR A 79 11.53 -15.27 -3.08
N GLY A 80 10.32 -15.63 -2.65
CA GLY A 80 9.41 -14.67 -2.04
C GLY A 80 7.97 -14.93 -2.38
N LEU A 81 7.13 -14.08 -1.85
CA LEU A 81 5.66 -14.23 -1.85
C LEU A 81 5.15 -12.84 -2.24
N PHE A 82 4.21 -12.79 -3.15
CA PHE A 82 3.68 -11.53 -3.69
C PHE A 82 2.24 -11.35 -3.22
N ARG A 83 2.02 -10.37 -2.36
CA ARG A 83 0.67 -9.98 -1.87
C ARG A 83 -0.09 -11.24 -1.46
N TRP A 84 0.47 -11.93 -0.50
CA TRP A 84 0.11 -13.29 -0.11
C TRP A 84 -0.69 -13.24 1.18
N VAL A 85 -1.72 -14.05 1.23
CA VAL A 85 -2.63 -14.25 2.39
C VAL A 85 -2.48 -15.71 2.84
N ALA A 86 -2.34 -15.89 4.15
CA ALA A 86 -2.14 -17.20 4.80
C ALA A 86 -3.44 -17.98 4.72
N PRO A 87 -3.37 -19.32 4.88
CA PRO A 87 -4.58 -20.11 5.14
C PRO A 87 -5.31 -19.63 6.41
N ASN A 88 -6.60 -19.95 6.53
CA ASN A 88 -7.39 -19.61 7.76
C ASN A 88 -6.68 -20.27 8.94
N ASN A 89 -6.79 -19.70 10.12
CA ASN A 89 -6.34 -20.31 11.40
C ASN A 89 -4.79 -20.29 11.46
N VAL A 90 -4.11 -19.44 10.69
CA VAL A 90 -2.62 -19.29 10.76
C VAL A 90 -2.34 -17.87 11.21
N GLN A 91 -1.62 -17.68 12.32
CA GLN A 91 -1.28 -16.31 12.82
C GLN A 91 -0.11 -16.38 13.79
N GLY A 92 0.58 -15.25 13.98
CA GLY A 92 1.69 -15.11 14.96
C GLY A 92 2.98 -14.70 14.26
N ALA A 93 4.08 -14.70 15.01
CA ALA A 93 5.41 -14.24 14.55
C ALA A 93 5.88 -15.11 13.36
N ILE A 94 6.44 -14.47 12.36
CA ILE A 94 7.06 -15.17 11.21
C ILE A 94 8.48 -15.55 11.57
N THR A 95 8.77 -16.85 11.52
CA THR A 95 10.14 -17.41 11.65
C THR A 95 10.57 -17.88 10.27
N LEU A 96 11.70 -17.38 9.82
CA LEU A 96 12.31 -17.84 8.54
C LEU A 96 13.29 -18.98 8.83
N ILE A 97 13.24 -20.03 8.03
CA ILE A 97 14.12 -21.22 8.22
C ILE A 97 14.67 -21.72 6.88
N TYR A 98 15.90 -22.18 6.90
CA TYR A 98 16.52 -22.90 5.78
C TYR A 98 15.97 -24.32 5.77
N ASN A 99 15.54 -24.80 4.61
CA ASN A 99 14.91 -26.13 4.45
C ASN A 99 16.03 -27.17 4.43
N ASP A 100 16.13 -27.96 5.49
CA ASP A 100 17.09 -29.10 5.55
C ASP A 100 16.46 -30.18 6.43
N VAL A 101 17.16 -31.30 6.54
CA VAL A 101 16.78 -32.45 7.40
C VAL A 101 17.20 -32.12 8.82
N PRO A 102 16.28 -32.29 9.82
CA PRO A 102 16.64 -32.03 11.20
C PRO A 102 17.88 -32.84 11.59
N GLY A 103 18.81 -32.20 12.27
CA GLY A 103 20.06 -32.82 12.71
C GLY A 103 21.17 -32.70 11.70
N THR A 104 20.89 -32.15 10.50
CA THR A 104 21.91 -32.05 9.42
C THR A 104 22.28 -30.60 9.13
N TYR A 105 22.00 -29.65 10.04
CA TYR A 105 22.23 -28.21 9.77
C TYR A 105 23.69 -27.85 10.01
N GLY A 106 24.47 -28.71 10.70
CA GLY A 106 25.85 -28.38 11.07
C GLY A 106 26.78 -28.23 9.88
N ASN A 107 26.55 -28.87 8.74
CA ASN A 107 27.44 -28.74 7.55
C ASN A 107 26.92 -27.67 6.59
N ASN A 108 25.94 -26.86 6.99
CA ASN A 108 25.33 -25.83 6.11
C ASN A 108 26.17 -24.56 6.10
N SER A 109 26.09 -23.74 5.05
CA SER A 109 26.81 -22.45 5.05
C SER A 109 26.06 -21.42 4.17
N GLY A 110 26.44 -20.17 4.31
CA GLY A 110 25.81 -19.03 3.63
C GLY A 110 24.51 -18.63 4.31
N SER A 111 23.78 -17.76 3.66
CA SER A 111 22.62 -17.07 4.24
C SER A 111 21.81 -16.41 3.12
N PHE A 112 20.56 -16.13 3.42
CA PHE A 112 19.66 -15.35 2.55
C PHE A 112 19.36 -14.03 3.25
N SER A 113 19.35 -12.96 2.47
CA SER A 113 18.89 -11.59 2.79
C SER A 113 17.40 -11.55 2.49
N VAL A 114 16.57 -11.11 3.44
CA VAL A 114 15.10 -11.20 3.31
C VAL A 114 14.47 -9.87 3.72
N ASN A 115 13.52 -9.39 2.90
CA ASN A 115 12.62 -8.25 3.20
C ASN A 115 11.19 -8.79 3.34
N ILE A 116 10.49 -8.36 4.38
CA ILE A 116 9.07 -8.69 4.63
C ILE A 116 8.35 -7.38 4.91
N GLY A 117 7.23 -7.19 4.25
CA GLY A 117 6.35 -6.03 4.51
C GLY A 117 4.91 -6.41 4.44
N LYS A 118 4.06 -5.67 5.14
CA LYS A 118 2.61 -5.82 5.01
C LYS A 118 2.14 -4.90 3.90
N ASP A 119 1.22 -5.40 3.09
CA ASP A 119 0.63 -4.66 1.95
C ASP A 119 -0.74 -4.13 2.35
N GLN A 120 -1.33 -3.35 1.48
CA GLN A 120 -2.66 -2.72 1.71
C GLN A 120 -3.70 -3.85 1.67
N SER A 121 -4.74 -3.74 2.47
CA SER A 121 -5.91 -4.66 2.44
C SER A 121 -7.17 -3.91 2.87
N ALA B 1 -0.23 -6.13 -10.20
CA ALA B 1 -1.07 -5.82 -11.35
C ALA B 1 -0.51 -6.39 -12.67
N TRP B 2 0.72 -6.90 -12.78
CA TRP B 2 1.09 -7.78 -13.92
C TRP B 2 1.64 -9.10 -13.39
N LYS B 3 1.15 -10.22 -13.97
CA LYS B 3 1.65 -11.57 -13.64
C LYS B 3 1.91 -12.32 -14.93
N GLY B 4 3.04 -13.03 -15.03
CA GLY B 4 3.34 -13.69 -16.31
C GLY B 4 4.60 -14.45 -16.21
N GLU B 5 5.14 -14.82 -17.36
CA GLU B 5 6.36 -15.63 -17.46
C GLU B 5 7.25 -14.90 -18.45
N VAL B 6 8.55 -15.02 -18.24
CA VAL B 6 9.59 -14.50 -19.13
C VAL B 6 10.38 -15.70 -19.62
N LEU B 7 10.40 -15.93 -20.92
CA LEU B 7 11.05 -17.10 -21.54
C LEU B 7 12.53 -16.80 -21.67
N ALA B 8 13.38 -17.77 -21.26
CA ALA B 8 14.84 -17.63 -21.33
C ALA B 8 15.27 -17.49 -22.79
N ASN B 9 14.54 -18.09 -23.73
CA ASN B 9 14.97 -18.10 -25.16
C ASN B 9 14.43 -16.86 -25.92
N ASN B 10 13.78 -15.92 -25.24
CA ASN B 10 13.25 -14.70 -25.90
C ASN B 10 14.25 -13.53 -25.76
N GLU B 11 15.05 -13.26 -26.80
CA GLU B 11 16.04 -12.15 -26.73
C GLU B 11 15.38 -10.76 -26.53
N ALA B 12 14.18 -10.54 -27.04
CA ALA B 12 13.49 -9.23 -26.94
C ALA B 12 12.87 -9.07 -25.54
N GLY B 13 12.72 -10.17 -24.80
CA GLY B 13 12.16 -10.15 -23.44
C GLY B 13 10.64 -10.07 -23.48
N GLN B 14 10.03 -9.80 -22.34
CA GLN B 14 8.56 -9.80 -22.15
C GLN B 14 8.16 -8.37 -21.80
N VAL B 15 7.47 -7.66 -22.68
CA VAL B 15 7.04 -6.26 -22.42
C VAL B 15 5.78 -6.35 -21.58
N THR B 16 5.79 -5.76 -20.40
CA THR B 16 4.69 -5.88 -19.43
C THR B 16 3.76 -4.69 -19.63
N SER B 17 2.64 -4.69 -18.91
CA SER B 17 1.65 -3.58 -18.97
C SER B 17 1.97 -2.55 -17.88
N ILE B 18 3.03 -2.76 -17.10
CA ILE B 18 3.39 -1.81 -16.02
C ILE B 18 4.16 -0.64 -16.63
N ILE B 19 3.60 0.55 -16.56
CA ILE B 19 4.29 1.80 -16.97
C ILE B 19 4.88 2.43 -15.71
N TYR B 20 6.19 2.44 -15.62
CA TYR B 20 6.91 3.04 -14.50
C TYR B 20 6.89 4.55 -14.73
N ASN B 21 6.31 5.30 -13.80
CA ASN B 21 6.29 6.78 -13.83
C ASN B 21 7.15 7.33 -12.73
N PRO B 22 7.71 8.54 -12.88
CA PRO B 22 8.54 9.15 -11.83
C PRO B 22 7.83 9.14 -10.47
N GLY B 23 8.57 8.75 -9.43
CA GLY B 23 8.06 8.65 -8.05
C GLY B 23 7.44 7.29 -7.75
N ASP B 24 7.15 6.45 -8.76
CA ASP B 24 6.48 5.15 -8.50
C ASP B 24 7.40 4.25 -7.66
N VAL B 25 6.78 3.55 -6.73
CA VAL B 25 7.40 2.45 -5.93
C VAL B 25 6.86 1.12 -6.46
N ILE B 26 7.74 0.20 -6.81
CA ILE B 26 7.32 -1.12 -7.33
C ILE B 26 7.91 -2.25 -6.51
N THR B 27 7.19 -3.36 -6.57
CA THR B 27 7.67 -4.63 -6.02
C THR B 27 7.61 -5.66 -7.15
N ILE B 28 8.68 -6.42 -7.29
CA ILE B 28 8.79 -7.55 -8.24
C ILE B 28 9.20 -8.77 -7.43
N VAL B 29 8.55 -9.90 -7.68
CA VAL B 29 8.99 -11.21 -7.16
C VAL B 29 9.10 -12.17 -8.34
N ALA B 30 10.24 -12.83 -8.46
CA ALA B 30 10.52 -13.76 -9.58
C ALA B 30 10.86 -15.13 -9.02
N ALA B 31 10.34 -16.17 -9.66
CA ALA B 31 10.62 -17.57 -9.29
C ALA B 31 10.87 -18.36 -10.58
N GLY B 32 11.30 -19.62 -10.45
CA GLY B 32 11.40 -20.53 -11.59
C GLY B 32 12.82 -20.93 -11.90
N TRP B 33 12.93 -21.68 -13.00
CA TRP B 33 14.15 -22.39 -13.43
C TRP B 33 14.41 -22.17 -14.92
N ALA B 34 15.59 -21.75 -15.28
CA ALA B 34 15.94 -21.52 -16.69
C ALA B 34 17.41 -21.83 -16.95
N SER B 35 17.72 -22.02 -18.23
CA SER B 35 19.11 -22.31 -18.67
C SER B 35 19.49 -21.45 -19.86
N TYR B 36 20.75 -21.02 -19.88
CA TYR B 36 21.41 -20.27 -20.96
C TYR B 36 22.10 -21.25 -21.93
N GLY B 37 21.89 -22.57 -21.75
CA GLY B 37 22.37 -23.59 -22.70
C GLY B 37 22.67 -24.93 -22.01
N PRO B 38 23.41 -24.96 -20.89
CA PRO B 38 23.70 -26.22 -20.21
C PRO B 38 22.44 -26.97 -19.76
N THR B 39 22.55 -28.27 -19.48
CA THR B 39 21.41 -29.14 -19.07
C THR B 39 20.89 -28.77 -17.65
N GLN B 40 21.74 -28.15 -16.82
CA GLN B 40 21.37 -27.67 -15.47
C GLN B 40 20.41 -26.49 -15.65
N LYS B 41 19.58 -26.21 -14.66
CA LYS B 41 18.84 -24.92 -14.63
C LYS B 41 19.23 -24.14 -13.38
N TRP B 42 19.03 -22.84 -13.43
CA TRP B 42 19.33 -21.88 -12.33
C TRP B 42 18.08 -21.05 -12.09
N GLY B 43 17.99 -20.52 -10.88
CA GLY B 43 16.92 -19.58 -10.50
C GLY B 43 17.26 -18.20 -11.01
N PRO B 44 16.43 -17.21 -10.64
CA PRO B 44 16.49 -15.86 -11.21
C PRO B 44 17.71 -15.03 -10.82
N GLN B 45 18.58 -15.51 -9.92
CA GLN B 45 19.90 -14.88 -9.73
C GLN B 45 20.90 -15.39 -10.78
N GLY B 46 20.57 -16.45 -11.50
CA GLY B 46 21.47 -17.00 -12.53
C GLY B 46 22.54 -17.90 -11.97
N ASP B 47 23.61 -18.02 -12.73
CA ASP B 47 24.78 -18.91 -12.46
C ASP B 47 25.95 -18.03 -12.02
N ARG B 48 26.28 -18.04 -10.73
CA ARG B 48 27.34 -17.12 -10.20
C ARG B 48 28.72 -17.59 -10.69
N GLU B 49 28.84 -18.80 -11.25
CA GLU B 49 30.16 -19.32 -11.69
C GLU B 49 30.44 -19.09 -13.19
N HIS B 50 29.46 -18.68 -13.98
CA HIS B 50 29.66 -18.53 -15.45
C HIS B 50 30.29 -17.18 -15.73
N PRO B 51 31.41 -17.12 -16.47
CA PRO B 51 31.98 -15.81 -16.83
C PRO B 51 31.06 -15.02 -17.77
N ASP B 52 31.16 -13.69 -17.68
CA ASP B 52 30.46 -12.71 -18.54
C ASP B 52 31.19 -12.62 -19.89
N GLN B 53 30.59 -13.10 -20.98
CA GLN B 53 31.19 -12.98 -22.35
C GLN B 53 30.38 -12.02 -23.22
N GLY B 54 29.86 -10.93 -22.61
CA GLY B 54 29.08 -9.89 -23.33
C GLY B 54 27.59 -9.98 -22.98
N LEU B 55 27.27 -10.18 -21.71
CA LEU B 55 25.86 -10.18 -21.21
C LEU B 55 25.19 -8.83 -21.47
N ILE B 56 23.88 -8.82 -21.64
CA ILE B 56 23.11 -7.56 -21.81
C ILE B 56 23.11 -6.76 -20.51
N CYS B 57 23.34 -7.40 -19.37
CA CYS B 57 23.48 -6.73 -18.06
C CYS B 57 24.75 -7.23 -17.39
N HIS B 58 25.77 -6.36 -17.30
CA HIS B 58 27.08 -6.70 -16.68
C HIS B 58 26.96 -6.69 -15.16
N ASP B 59 25.88 -6.15 -14.58
CA ASP B 59 25.70 -6.08 -13.10
C ASP B 59 24.91 -7.28 -12.56
N ALA B 60 24.65 -8.29 -13.35
CA ALA B 60 23.93 -9.50 -12.91
C ALA B 60 24.55 -10.71 -13.58
N PHE B 61 24.46 -11.88 -12.95
CA PHE B 61 25.06 -13.13 -13.46
C PHE B 61 24.32 -13.55 -14.75
N CYS B 62 25.01 -14.33 -15.57
CA CYS B 62 24.40 -15.01 -16.72
C CYS B 62 23.22 -15.83 -16.21
N GLY B 63 22.05 -15.68 -16.84
CA GLY B 63 20.85 -16.44 -16.50
C GLY B 63 20.03 -15.76 -15.41
N ALA B 64 20.40 -14.54 -15.00
CA ALA B 64 19.60 -13.76 -14.04
C ALA B 64 18.45 -13.06 -14.76
N LEU B 65 17.42 -12.71 -14.01
CA LEU B 65 16.35 -11.82 -14.49
C LEU B 65 16.82 -10.37 -14.42
N VAL B 66 16.64 -9.64 -15.51
CA VAL B 66 16.93 -8.17 -15.54
C VAL B 66 15.75 -7.48 -16.19
N MET B 67 15.77 -6.16 -16.22
CA MET B 67 14.68 -5.38 -16.82
C MET B 67 15.22 -4.11 -17.46
N LYS B 68 14.37 -3.57 -18.33
CA LYS B 68 14.46 -2.21 -18.85
C LYS B 68 13.16 -1.49 -18.51
N ILE B 69 13.30 -0.21 -18.24
CA ILE B 69 12.17 0.72 -18.08
C ILE B 69 12.21 1.68 -19.27
N GLY B 70 11.17 1.65 -20.09
CA GLY B 70 11.20 2.27 -21.44
C GLY B 70 12.49 1.87 -22.16
N ASN B 71 13.29 2.84 -22.56
CA ASN B 71 14.56 2.62 -23.30
C ASN B 71 15.76 2.78 -22.37
N SER B 72 15.61 2.59 -21.06
CA SER B 72 16.73 2.56 -20.09
C SER B 72 17.74 1.48 -20.47
N GLY B 73 18.93 1.54 -19.89
CA GLY B 73 19.83 0.37 -19.87
C GLY B 73 19.25 -0.70 -18.96
N THR B 74 19.87 -1.86 -18.94
CA THR B 74 19.37 -3.02 -18.17
C THR B 74 19.61 -2.74 -16.68
N ILE B 75 18.67 -3.20 -15.88
CA ILE B 75 18.66 -3.04 -14.39
C ILE B 75 18.46 -4.44 -13.83
N PRO B 76 19.34 -4.90 -12.93
CA PRO B 76 19.16 -6.21 -12.29
C PRO B 76 17.88 -6.30 -11.46
N VAL B 77 17.15 -7.40 -11.64
CA VAL B 77 15.98 -7.78 -10.83
C VAL B 77 16.35 -8.97 -9.93
N ASN B 78 16.99 -9.98 -10.49
CA ASN B 78 17.31 -11.23 -9.73
C ASN B 78 16.01 -11.83 -9.16
N THR B 79 15.94 -12.15 -7.87
CA THR B 79 14.75 -12.76 -7.26
C THR B 79 13.64 -11.70 -7.08
N GLY B 80 13.99 -10.41 -7.13
CA GLY B 80 12.95 -9.37 -7.07
C GLY B 80 13.45 -8.08 -6.48
N LEU B 81 12.56 -7.11 -6.45
CA LEU B 81 12.86 -5.76 -5.92
C LEU B 81 11.76 -5.47 -4.92
N PHE B 82 12.13 -5.01 -3.74
CA PHE B 82 11.19 -4.71 -2.64
C PHE B 82 11.04 -3.20 -2.49
N ARG B 83 9.88 -2.67 -2.85
CA ARG B 83 9.52 -1.26 -2.67
C ARG B 83 10.63 -0.41 -3.25
N TRP B 84 10.85 -0.59 -4.54
CA TRP B 84 12.00 -0.01 -5.28
C TRP B 84 11.56 1.22 -6.07
N VAL B 85 12.41 2.26 -6.04
CA VAL B 85 12.25 3.53 -6.80
C VAL B 85 13.43 3.67 -7.77
N ALA B 86 13.16 4.09 -8.99
CA ALA B 86 14.15 4.28 -10.08
C ALA B 86 14.88 5.61 -9.88
N PRO B 87 16.07 5.79 -10.51
CA PRO B 87 16.70 7.11 -10.70
C PRO B 87 15.89 8.10 -11.55
N ASN B 88 16.22 9.39 -11.45
CA ASN B 88 15.69 10.50 -12.29
C ASN B 88 15.74 10.06 -13.77
N ASN B 89 14.77 10.48 -14.57
CA ASN B 89 14.84 10.38 -16.04
C ASN B 89 14.68 8.91 -16.48
N VAL B 90 14.10 8.05 -15.63
CA VAL B 90 13.80 6.63 -16.03
C VAL B 90 12.28 6.47 -15.99
N GLN B 91 11.66 6.16 -17.13
CA GLN B 91 10.18 6.17 -17.27
C GLN B 91 9.80 5.24 -18.42
N GLY B 92 8.66 4.57 -18.32
CA GLY B 92 8.03 3.86 -19.45
C GLY B 92 7.76 2.42 -19.07
N ALA B 93 7.39 1.61 -20.04
CA ALA B 93 6.97 0.20 -19.87
C ALA B 93 8.14 -0.59 -19.30
N ILE B 94 7.86 -1.49 -18.36
CA ILE B 94 8.86 -2.44 -17.84
C ILE B 94 8.92 -3.63 -18.80
N THR B 95 10.11 -3.90 -19.33
CA THR B 95 10.41 -5.12 -20.13
C THR B 95 11.29 -6.00 -19.27
N LEU B 96 10.85 -7.24 -19.07
CA LEU B 96 11.64 -8.26 -18.35
C LEU B 96 12.46 -9.04 -19.37
N ILE B 97 13.70 -9.33 -19.02
CA ILE B 97 14.62 -10.04 -19.96
C ILE B 97 15.47 -11.05 -19.18
N TYR B 98 15.67 -12.20 -19.78
CA TYR B 98 16.70 -13.17 -19.38
C TYR B 98 18.08 -12.63 -19.73
N ASN B 99 19.01 -12.66 -18.80
CA ASN B 99 20.38 -12.11 -18.99
C ASN B 99 21.20 -13.16 -19.73
N ASP B 100 21.53 -12.89 -20.99
CA ASP B 100 22.44 -13.74 -21.80
C ASP B 100 23.17 -12.84 -22.81
N VAL B 101 24.07 -13.44 -23.57
CA VAL B 101 24.87 -12.78 -24.64
C VAL B 101 23.97 -12.64 -25.86
N PRO B 102 23.88 -11.42 -26.44
CA PRO B 102 23.11 -11.21 -27.66
C PRO B 102 23.51 -12.22 -28.74
N GLY B 103 22.55 -12.82 -29.41
CA GLY B 103 22.82 -13.82 -30.46
C GLY B 103 22.85 -15.22 -29.91
N THR B 104 22.83 -15.43 -28.59
CA THR B 104 23.03 -16.79 -28.01
C THR B 104 21.77 -17.28 -27.28
N TYR B 105 20.61 -16.70 -27.54
CA TYR B 105 19.35 -17.04 -26.82
C TYR B 105 18.74 -18.32 -27.38
N GLY B 106 19.17 -18.77 -28.57
CA GLY B 106 18.53 -19.93 -29.24
C GLY B 106 18.67 -21.22 -28.49
N ASN B 107 19.74 -21.41 -27.71
CA ASN B 107 19.93 -22.69 -26.95
C ASN B 107 19.40 -22.59 -25.52
N ASN B 108 18.66 -21.52 -25.18
CA ASN B 108 18.14 -21.29 -23.81
C ASN B 108 16.87 -22.09 -23.59
N SER B 109 16.50 -22.38 -22.35
CA SER B 109 15.21 -23.06 -22.07
C SER B 109 14.69 -22.64 -20.70
N GLY B 110 13.44 -22.96 -20.46
CA GLY B 110 12.73 -22.62 -19.21
C GLY B 110 12.33 -21.16 -19.18
N SER B 111 11.84 -20.73 -18.04
CA SER B 111 11.18 -19.43 -17.86
C SER B 111 11.19 -19.05 -16.39
N PHE B 112 11.03 -17.76 -16.10
CA PHE B 112 10.76 -17.25 -14.74
C PHE B 112 9.33 -16.77 -14.69
N SER B 113 8.63 -17.13 -13.62
CA SER B 113 7.30 -16.59 -13.26
C SER B 113 7.52 -15.30 -12.47
N VAL B 114 6.85 -14.23 -12.84
CA VAL B 114 7.14 -12.88 -12.31
C VAL B 114 5.80 -12.21 -11.96
N ASN B 115 5.76 -11.57 -10.78
CA ASN B 115 4.69 -10.65 -10.38
C ASN B 115 5.30 -9.26 -10.24
N ILE B 116 4.61 -8.26 -10.78
CA ILE B 116 4.98 -6.83 -10.58
C ILE B 116 3.74 -6.08 -10.12
N GLY B 117 3.93 -5.25 -9.10
CA GLY B 117 2.87 -4.34 -8.66
C GLY B 117 3.43 -2.97 -8.34
N LYS B 118 2.56 -1.99 -8.38
CA LYS B 118 2.91 -0.65 -7.82
C LYS B 118 2.49 -0.63 -6.35
N ASP B 119 3.34 -0.07 -5.51
CA ASP B 119 3.12 0.02 -4.06
C ASP B 119 2.61 1.42 -3.73
N GLN B 120 2.28 1.62 -2.46
CA GLN B 120 1.86 2.95 -1.96
C GLN B 120 3.07 3.86 -2.02
N SER B 121 2.82 5.15 -2.29
CA SER B 121 3.89 6.18 -2.35
C SER B 121 3.27 7.54 -2.02
N ALA C 1 2.18 11.01 0.16
CA ALA C 1 3.15 11.59 -0.75
C ALA C 1 3.13 13.12 -0.65
N TRP C 2 1.96 13.78 -0.53
CA TRP C 2 1.89 15.26 -0.42
C TRP C 2 1.04 15.67 0.77
N LYS C 3 1.51 16.63 1.57
CA LYS C 3 0.77 17.19 2.71
C LYS C 3 0.90 18.71 2.62
N GLY C 4 -0.20 19.45 2.78
CA GLY C 4 -0.14 20.92 2.64
C GLY C 4 -1.47 21.53 2.92
N GLU C 5 -1.63 22.81 2.57
CA GLU C 5 -2.82 23.61 2.90
C GLU C 5 -3.29 24.27 1.62
N VAL C 6 -4.60 24.41 1.48
CA VAL C 6 -5.20 25.17 0.37
C VAL C 6 -6.02 26.30 0.97
N LEU C 7 -5.63 27.54 0.64
CA LEU C 7 -6.31 28.76 1.16
C LEU C 7 -7.60 28.99 0.40
N ALA C 8 -8.67 29.30 1.12
CA ALA C 8 -9.99 29.55 0.54
C ALA C 8 -9.94 30.76 -0.39
N ASN C 9 -9.03 31.71 -0.14
CA ASN C 9 -9.03 32.98 -0.92
C ASN C 9 -8.09 32.86 -2.12
N ASN C 10 -7.53 31.69 -2.40
CA ASN C 10 -6.57 31.51 -3.52
C ASN C 10 -7.33 31.03 -4.75
N GLU C 11 -7.67 31.96 -5.66
CA GLU C 11 -8.52 31.66 -6.81
C GLU C 11 -7.81 30.67 -7.75
N ALA C 12 -6.47 30.71 -7.82
CA ALA C 12 -5.71 29.82 -8.75
C ALA C 12 -5.62 28.40 -8.18
N GLY C 13 -5.84 28.25 -6.87
CA GLY C 13 -5.71 26.98 -6.16
C GLY C 13 -4.26 26.67 -5.87
N GLN C 14 -4.00 25.56 -5.21
CA GLN C 14 -2.69 25.13 -4.73
C GLN C 14 -2.22 23.95 -5.57
N VAL C 15 -1.16 24.14 -6.35
CA VAL C 15 -0.58 23.07 -7.19
C VAL C 15 0.17 22.12 -6.25
N THR C 16 -0.14 20.84 -6.29
CA THR C 16 0.59 19.83 -5.49
C THR C 16 1.73 19.28 -6.34
N SER C 17 2.56 18.45 -5.73
CA SER C 17 3.65 17.70 -6.41
C SER C 17 3.14 16.34 -6.90
N ILE C 18 1.87 16.02 -6.68
CA ILE C 18 1.31 14.73 -7.14
C ILE C 18 0.94 14.86 -8.62
N ILE C 19 1.59 14.04 -9.46
CA ILE C 19 1.20 13.88 -10.88
C ILE C 19 0.32 12.64 -10.96
N TYR C 20 -0.94 12.81 -11.28
CA TYR C 20 -1.88 11.69 -11.54
C TYR C 20 -1.54 11.11 -12.90
N ASN C 21 -1.18 9.84 -12.94
CA ASN C 21 -0.86 9.11 -14.21
C ASN C 21 -1.95 8.08 -14.45
N PRO C 22 -2.17 7.69 -15.73
CA PRO C 22 -3.17 6.69 -16.05
C PRO C 22 -2.98 5.41 -15.20
N GLY C 23 -4.08 4.88 -14.68
CA GLY C 23 -4.08 3.68 -13.82
C GLY C 23 -3.89 4.01 -12.35
N ASP C 24 -3.45 5.23 -11.99
CA ASP C 24 -3.11 5.52 -10.58
C ASP C 24 -4.38 5.42 -9.71
N VAL C 25 -4.18 4.87 -8.52
CA VAL C 25 -5.17 4.88 -7.41
C VAL C 25 -4.68 5.88 -6.36
N ILE C 26 -5.54 6.82 -5.96
CA ILE C 26 -5.16 7.82 -4.95
C ILE C 26 -6.13 7.85 -3.79
N THR C 27 -5.61 8.31 -2.66
CA THR C 27 -6.41 8.59 -1.46
C THR C 27 -6.12 10.03 -1.05
N ILE C 28 -7.18 10.76 -0.80
CA ILE C 28 -7.10 12.15 -0.27
C ILE C 28 -7.88 12.18 1.04
N VAL C 29 -7.33 12.84 2.06
CA VAL C 29 -8.10 13.25 3.26
C VAL C 29 -7.93 14.75 3.44
N ALA C 30 -9.02 15.47 3.64
CA ALA C 30 -9.04 16.93 3.86
C ALA C 30 -9.72 17.23 5.18
N ALA C 31 -9.19 18.21 5.90
CA ALA C 31 -9.73 18.68 7.19
C ALA C 31 -9.62 20.21 7.23
N GLY C 32 -10.31 20.82 8.18
CA GLY C 32 -10.16 22.24 8.49
C GLY C 32 -11.44 23.03 8.27
N TRP C 33 -11.32 24.34 8.37
CA TRP C 33 -12.45 25.29 8.43
C TRP C 33 -12.19 26.47 7.50
N ALA C 34 -13.15 26.79 6.65
CA ALA C 34 -13.02 27.92 5.71
C ALA C 34 -14.36 28.59 5.45
N SER C 35 -14.32 29.79 4.89
CA SER C 35 -15.51 30.60 4.55
C SER C 35 -15.37 31.23 3.18
N TYR C 36 -16.47 31.30 2.47
CA TYR C 36 -16.63 31.97 1.15
C TYR C 36 -17.09 33.42 1.36
N GLY C 37 -17.17 33.90 2.61
CA GLY C 37 -17.48 35.32 2.89
C GLY C 37 -18.10 35.52 4.27
N PRO C 38 -19.15 34.75 4.65
CA PRO C 38 -19.76 34.93 5.96
C PRO C 38 -18.78 34.72 7.12
N THR C 39 -19.15 35.15 8.32
CA THR C 39 -18.36 34.98 9.58
C THR C 39 -18.28 33.50 9.99
N GLN C 40 -19.26 32.68 9.63
CA GLN C 40 -19.29 31.23 9.96
C GLN C 40 -18.20 30.54 9.13
N LYS C 41 -17.73 29.39 9.55
CA LYS C 41 -16.85 28.55 8.71
C LYS C 41 -17.48 27.17 8.51
N TRP C 42 -17.09 26.50 7.44
CA TRP C 42 -17.59 25.16 7.05
C TRP C 42 -16.37 24.26 6.84
N GLY C 43 -16.60 22.96 6.94
CA GLY C 43 -15.59 21.95 6.59
C GLY C 43 -15.50 21.78 5.09
N PRO C 44 -14.71 20.78 4.66
CA PRO C 44 -14.41 20.56 3.25
C PRO C 44 -15.56 20.11 2.35
N GLN C 45 -16.73 19.79 2.91
CA GLN C 45 -17.95 19.57 2.07
C GLN C 45 -18.64 20.89 1.79
N GLY C 46 -18.23 22.00 2.45
CA GLY C 46 -18.82 23.32 2.19
C GLY C 46 -20.16 23.53 2.87
N ASP C 47 -20.95 24.43 2.31
CA ASP C 47 -22.24 24.91 2.90
C ASP C 47 -23.38 24.35 2.05
N ARG C 48 -24.10 23.36 2.57
CA ARG C 48 -25.20 22.65 1.84
C ARG C 48 -26.36 23.62 1.57
N GLU C 49 -26.46 24.75 2.27
CA GLU C 49 -27.63 25.66 2.22
C GLU C 49 -27.39 26.84 1.27
N HIS C 50 -26.17 27.08 0.82
CA HIS C 50 -25.88 28.27 -0.01
C HIS C 50 -26.14 27.91 -1.46
N PRO C 51 -26.95 28.71 -2.19
CA PRO C 51 -27.19 28.45 -3.61
C PRO C 51 -25.91 28.56 -4.46
N ASP C 52 -25.88 27.78 -5.54
CA ASP C 52 -24.85 27.82 -6.61
C ASP C 52 -25.10 29.06 -7.48
N GLN C 53 -24.24 30.07 -7.43
CA GLN C 53 -24.37 31.32 -8.21
C GLN C 53 -23.29 31.40 -9.30
N GLY C 54 -22.84 30.26 -9.85
CA GLY C 54 -21.77 30.18 -10.83
C GLY C 54 -20.48 29.62 -10.26
N LEU C 55 -20.57 28.59 -9.42
CA LEU C 55 -19.39 27.93 -8.81
C LEU C 55 -18.48 27.33 -9.89
N ILE C 56 -17.18 27.23 -9.61
CA ILE C 56 -16.21 26.58 -10.53
C ILE C 56 -16.53 25.09 -10.64
N CYS C 57 -17.19 24.50 -9.64
CA CYS C 57 -17.63 23.09 -9.66
C CYS C 57 -19.11 23.02 -9.31
N HIS C 58 -19.96 22.69 -10.27
CA HIS C 58 -21.43 22.58 -10.05
C HIS C 58 -21.78 21.28 -9.31
N ASP C 59 -20.85 20.32 -9.21
CA ASP C 59 -21.10 19.02 -8.55
C ASP C 59 -20.68 19.04 -7.08
N ALA C 60 -20.33 20.19 -6.51
CA ALA C 60 -20.02 20.30 -5.07
C ALA C 60 -20.61 21.59 -4.53
N PHE C 61 -20.79 21.66 -3.22
CA PHE C 61 -21.39 22.84 -2.54
C PHE C 61 -20.36 23.96 -2.55
N CYS C 62 -20.86 25.18 -2.45
CA CYS C 62 -20.05 26.39 -2.22
C CYS C 62 -19.20 26.15 -0.97
N GLY C 63 -17.89 26.38 -1.06
CA GLY C 63 -16.96 26.19 0.07
C GLY C 63 -16.42 24.78 0.18
N ALA C 64 -16.73 23.89 -0.76
CA ALA C 64 -16.18 22.52 -0.74
C ALA C 64 -14.77 22.52 -1.34
N LEU C 65 -13.97 21.52 -0.97
CA LEU C 65 -12.69 21.24 -1.65
C LEU C 65 -12.95 20.55 -2.99
N VAL C 66 -12.37 21.08 -4.07
CA VAL C 66 -12.43 20.45 -5.40
C VAL C 66 -11.01 20.42 -5.93
N MET C 67 -10.83 19.77 -7.07
CA MET C 67 -9.50 19.64 -7.66
C MET C 67 -9.62 19.63 -9.18
N LYS C 68 -8.48 19.90 -9.80
CA LYS C 68 -8.24 19.62 -11.22
C LYS C 68 -7.04 18.70 -11.31
N ILE C 69 -7.09 17.80 -12.28
CA ILE C 69 -5.95 16.96 -12.67
C ILE C 69 -5.47 17.44 -14.04
N GLY C 70 -4.24 17.93 -14.12
CA GLY C 70 -3.76 18.73 -15.26
C GLY C 70 -4.78 19.83 -15.53
N ASN C 71 -5.31 19.91 -16.74
CA ASN C 71 -6.31 20.95 -17.11
C ASN C 71 -7.69 20.32 -17.23
N SER C 72 -7.98 19.26 -16.49
CA SER C 72 -9.32 18.63 -16.41
C SER C 72 -10.35 19.68 -15.96
N GLY C 73 -11.64 19.34 -16.11
CA GLY C 73 -12.71 20.06 -15.41
C GLY C 73 -12.58 19.85 -13.91
N THR C 74 -13.29 20.62 -13.10
CA THR C 74 -13.21 20.48 -11.63
C THR C 74 -13.83 19.15 -11.22
N ILE C 75 -13.24 18.52 -10.22
CA ILE C 75 -13.64 17.20 -9.68
C ILE C 75 -13.85 17.40 -8.18
N PRO C 76 -15.03 17.04 -7.65
CA PRO C 76 -15.26 17.18 -6.21
C PRO C 76 -14.33 16.28 -5.39
N VAL C 77 -13.79 16.83 -4.30
CA VAL C 77 -12.96 16.09 -3.32
C VAL C 77 -13.72 16.00 -2.00
N ASN C 78 -14.29 17.12 -1.55
CA ASN C 78 -15.00 17.19 -0.25
C ASN C 78 -14.05 16.73 0.86
N THR C 79 -14.44 15.78 1.73
CA THR C 79 -13.61 15.33 2.85
C THR C 79 -12.48 14.43 2.34
N GLY C 80 -12.57 13.95 1.11
CA GLY C 80 -11.51 13.10 0.53
C GLY C 80 -12.06 11.99 -0.35
N LEU C 81 -11.16 11.22 -0.89
CA LEU C 81 -11.44 10.20 -1.91
C LEU C 81 -10.68 8.98 -1.44
N PHE C 82 -11.36 7.83 -1.45
CA PHE C 82 -10.79 6.57 -0.92
C PHE C 82 -10.47 5.64 -2.08
N ARG C 83 -9.19 5.41 -2.32
CA ARG C 83 -8.71 4.45 -3.34
C ARG C 83 -9.44 4.72 -4.65
N TRP C 84 -9.27 5.94 -5.12
CA TRP C 84 -10.03 6.49 -6.26
C TRP C 84 -9.20 6.45 -7.54
N VAL C 85 -9.87 6.11 -8.63
CA VAL C 85 -9.34 6.12 -10.03
C VAL C 85 -10.11 7.16 -10.84
N ALA C 86 -9.38 7.96 -11.62
CA ALA C 86 -9.94 9.05 -12.46
C ALA C 86 -10.67 8.48 -13.66
N PRO C 87 -11.58 9.27 -14.28
CA PRO C 87 -12.11 8.99 -15.63
C PRO C 87 -11.04 8.97 -16.73
N ASN C 88 -11.31 8.32 -17.86
CA ASN C 88 -10.26 8.05 -18.89
C ASN C 88 -9.73 9.41 -19.36
N ASN C 89 -8.46 9.47 -19.75
CA ASN C 89 -7.87 10.63 -20.46
C ASN C 89 -7.71 11.82 -19.50
N VAL C 90 -7.63 11.56 -18.19
CA VAL C 90 -7.35 12.61 -17.17
C VAL C 90 -5.99 12.29 -16.57
N GLN C 91 -5.06 13.23 -16.65
CA GLN C 91 -3.63 13.03 -16.33
C GLN C 91 -3.03 14.39 -15.98
N GLY C 92 -2.05 14.41 -15.07
CA GLY C 92 -1.20 15.60 -14.82
C GLY C 92 -1.27 15.99 -13.36
N ALA C 93 -0.70 17.14 -13.04
CA ALA C 93 -0.53 17.62 -11.65
C ALA C 93 -1.93 17.81 -11.04
N ILE C 94 -2.09 17.45 -9.80
CA ILE C 94 -3.33 17.73 -9.03
C ILE C 94 -3.21 19.15 -8.46
N THR C 95 -4.18 19.99 -8.79
CA THR C 95 -4.37 21.32 -8.20
C THR C 95 -5.60 21.27 -7.31
N LEU C 96 -5.45 21.66 -6.06
CA LEU C 96 -6.57 21.74 -5.10
C LEU C 96 -7.13 23.15 -5.11
N ILE C 97 -8.46 23.28 -5.08
CA ILE C 97 -9.13 24.60 -5.19
C ILE C 97 -10.34 24.64 -4.26
N TYR C 98 -10.52 25.78 -3.64
CA TYR C 98 -11.77 26.09 -2.89
C TYR C 98 -12.88 26.41 -3.87
N ASN C 99 -14.04 25.78 -3.70
CA ASN C 99 -15.19 25.97 -4.62
C ASN C 99 -15.87 27.29 -4.33
N ASP C 100 -15.73 28.25 -5.25
CA ASP C 100 -16.43 29.56 -5.14
C ASP C 100 -16.70 30.09 -6.56
N VAL C 101 -17.41 31.20 -6.63
CA VAL C 101 -17.72 31.91 -7.90
C VAL C 101 -16.49 32.70 -8.32
N PRO C 102 -16.05 32.57 -9.59
CA PRO C 102 -14.86 33.31 -10.05
C PRO C 102 -15.08 34.81 -9.81
N GLY C 103 -14.04 35.47 -9.35
CA GLY C 103 -14.08 36.91 -9.03
C GLY C 103 -14.51 37.17 -7.59
N THR C 104 -14.97 36.17 -6.84
CA THR C 104 -15.53 36.40 -5.48
C THR C 104 -14.65 35.78 -4.37
N TYR C 105 -13.39 35.47 -4.66
CA TYR C 105 -12.47 34.79 -3.71
C TYR C 105 -11.88 35.79 -2.72
N GLY C 106 -11.99 37.10 -2.98
CA GLY C 106 -11.35 38.15 -2.14
C GLY C 106 -11.88 38.18 -0.73
N ASN C 107 -13.14 37.84 -0.51
CA ASN C 107 -13.71 37.88 0.87
C ASN C 107 -13.64 36.51 1.57
N ASN C 108 -12.91 35.55 1.01
CA ASN C 108 -12.81 34.18 1.57
C ASN C 108 -11.79 34.13 2.69
N SER C 109 -11.88 33.17 3.59
CA SER C 109 -10.87 33.02 4.67
C SER C 109 -10.79 31.56 5.11
N GLY C 110 -9.74 31.25 5.84
CA GLY C 110 -9.41 29.92 6.33
C GLY C 110 -8.78 29.08 5.24
N SER C 111 -8.64 27.79 5.52
CA SER C 111 -7.85 26.86 4.69
C SER C 111 -8.26 25.44 5.04
N PHE C 112 -8.00 24.52 4.13
CA PHE C 112 -8.08 23.07 4.39
C PHE C 112 -6.67 22.48 4.35
N SER C 113 -6.40 21.62 5.32
CA SER C 113 -5.20 20.77 5.43
C SER C 113 -5.49 19.50 4.63
N VAL C 114 -4.61 19.13 3.71
CA VAL C 114 -4.93 18.02 2.76
C VAL C 114 -3.72 17.09 2.70
N ASN C 115 -3.99 15.78 2.75
CA ASN C 115 -2.98 14.72 2.49
C ASN C 115 -3.41 13.99 1.23
N ILE C 116 -2.45 13.74 0.34
CA ILE C 116 -2.64 12.94 -0.89
C ILE C 116 -1.57 11.86 -0.91
N GLY C 117 -1.98 10.64 -1.20
CA GLY C 117 -1.04 9.53 -1.43
C GLY C 117 -1.48 8.68 -2.59
N LYS C 118 -0.52 7.99 -3.21
CA LYS C 118 -0.83 6.96 -4.22
C LYS C 118 -0.95 5.63 -3.48
N ASP C 119 -1.96 4.85 -3.87
CA ASP C 119 -2.24 3.51 -3.32
C ASP C 119 -1.70 2.43 -4.23
N GLN C 120 -1.78 1.19 -3.77
CA GLN C 120 -1.35 0.01 -4.53
C GLN C 120 -2.20 -0.10 -5.78
N SER C 121 -1.61 -0.60 -6.88
CA SER C 121 -2.38 -1.13 -8.02
C SER C 121 -1.62 -2.30 -8.65
N ALA D 1 -10.62 -4.01 3.48
CA ALA D 1 -11.23 -2.69 3.62
C ALA D 1 -12.69 -2.84 4.03
N TRP D 2 -13.23 -1.80 4.66
CA TRP D 2 -14.64 -1.78 5.16
C TRP D 2 -15.30 -0.50 4.65
N LYS D 3 -16.54 -0.59 4.20
CA LYS D 3 -17.37 0.56 3.78
C LYS D 3 -18.73 0.43 4.45
N GLY D 4 -19.24 1.50 5.04
CA GLY D 4 -20.54 1.44 5.70
C GLY D 4 -20.90 2.80 6.24
N GLU D 5 -21.87 2.83 7.14
CA GLU D 5 -22.55 4.06 7.58
C GLU D 5 -22.62 3.98 9.10
N VAL D 6 -22.55 5.13 9.75
CA VAL D 6 -22.84 5.23 11.21
C VAL D 6 -23.98 6.25 11.38
N LEU D 7 -25.03 5.87 12.09
CA LEU D 7 -26.18 6.79 12.34
C LEU D 7 -25.83 7.71 13.51
N ALA D 8 -26.15 8.98 13.38
CA ALA D 8 -26.00 9.97 14.47
C ALA D 8 -26.86 9.59 15.68
N ASN D 9 -27.96 8.83 15.46
CA ASN D 9 -28.90 8.49 16.56
C ASN D 9 -28.47 7.23 17.32
N ASN D 10 -27.35 6.60 16.94
CA ASN D 10 -26.95 5.31 17.55
C ASN D 10 -25.90 5.53 18.60
N GLU D 11 -26.32 5.60 19.87
CA GLU D 11 -25.42 5.69 21.04
C GLU D 11 -24.42 4.53 21.10
N ALA D 12 -24.74 3.34 20.59
CA ALA D 12 -23.86 2.14 20.62
C ALA D 12 -22.81 2.21 19.51
N GLY D 13 -23.02 3.03 18.49
CA GLY D 13 -22.15 3.14 17.31
C GLY D 13 -22.18 1.90 16.42
N GLN D 14 -21.31 1.83 15.43
CA GLN D 14 -21.32 0.81 14.36
C GLN D 14 -20.03 0.02 14.52
N VAL D 15 -20.12 -1.26 14.86
N VAL D 15 -20.10 -1.26 14.87
CA VAL D 15 -18.91 -2.14 14.93
CA VAL D 15 -18.87 -2.10 14.96
C VAL D 15 -18.52 -2.52 13.50
C VAL D 15 -18.53 -2.46 13.51
N THR D 16 -17.27 -2.30 13.13
CA THR D 16 -16.78 -2.63 11.77
C THR D 16 -16.15 -4.03 11.80
N SER D 17 -15.73 -4.53 10.66
CA SER D 17 -14.96 -5.80 10.54
C SER D 17 -13.45 -5.52 10.58
N ILE D 18 -13.04 -4.27 10.73
CA ILE D 18 -11.59 -3.95 10.79
C ILE D 18 -11.08 -4.22 12.21
N ILE D 19 -10.15 -5.16 12.35
CA ILE D 19 -9.42 -5.38 13.62
C ILE D 19 -8.11 -4.61 13.56
N TYR D 20 -7.97 -3.59 14.38
CA TYR D 20 -6.70 -2.84 14.50
C TYR D 20 -5.74 -3.68 15.33
N ASN D 21 -4.60 -4.05 14.73
CA ASN D 21 -3.53 -4.82 15.43
C ASN D 21 -2.32 -3.93 15.60
N PRO D 22 -1.47 -4.20 16.61
CA PRO D 22 -0.27 -3.39 16.83
C PRO D 22 0.57 -3.25 15.56
N GLY D 23 1.03 -2.03 15.29
CA GLY D 23 1.82 -1.69 14.10
C GLY D 23 0.96 -1.40 12.87
N ASP D 24 -0.36 -1.59 12.93
CA ASP D 24 -1.19 -1.36 11.71
C ASP D 24 -1.20 0.12 11.37
N VAL D 25 -1.13 0.39 10.06
CA VAL D 25 -1.31 1.72 9.45
C VAL D 25 -2.67 1.69 8.75
N ILE D 26 -3.55 2.64 9.09
CA ILE D 26 -4.90 2.68 8.52
C ILE D 26 -5.20 4.04 7.91
N THR D 27 -6.12 4.02 6.97
CA THR D 27 -6.68 5.24 6.38
C THR D 27 -8.19 5.17 6.51
N ILE D 28 -8.77 6.26 6.95
CA ILE D 28 -10.24 6.42 7.08
C ILE D 28 -10.61 7.67 6.32
N VAL D 29 -11.69 7.61 5.52
CA VAL D 29 -12.35 8.81 4.96
C VAL D 29 -13.82 8.75 5.37
N ALA D 30 -14.31 9.83 5.93
CA ALA D 30 -15.72 9.97 6.38
C ALA D 30 -16.37 11.14 5.66
N ALA D 31 -17.63 10.98 5.26
CA ALA D 31 -18.41 12.02 4.59
C ALA D 31 -19.81 12.01 5.15
N GLY D 32 -20.59 13.05 4.80
CA GLY D 32 -22.02 13.11 5.09
C GLY D 32 -22.38 14.23 6.03
N TRP D 33 -23.64 14.23 6.44
CA TRP D 33 -24.29 15.36 7.16
C TRP D 33 -25.13 14.84 8.31
N ALA D 34 -24.92 15.37 9.50
CA ALA D 34 -25.65 14.94 10.70
C ALA D 34 -25.93 16.10 11.63
N SER D 35 -26.91 15.90 12.51
CA SER D 35 -27.22 16.87 13.58
C SER D 35 -27.31 16.16 14.93
N TYR D 36 -26.81 16.86 15.95
CA TYR D 36 -26.93 16.47 17.38
C TYR D 36 -28.20 17.08 17.99
N GLY D 37 -29.05 17.73 17.20
CA GLY D 37 -30.33 18.26 17.69
C GLY D 37 -30.82 19.47 16.92
N PRO D 38 -29.97 20.50 16.73
CA PRO D 38 -30.43 21.71 16.07
C PRO D 38 -30.84 21.44 14.62
N THR D 39 -31.57 22.38 14.02
CA THR D 39 -32.15 22.24 12.65
C THR D 39 -31.08 22.21 11.55
N GLN D 40 -29.86 22.65 11.84
CA GLN D 40 -28.71 22.70 10.90
C GLN D 40 -28.07 21.31 10.81
N LYS D 41 -27.17 21.14 9.87
CA LYS D 41 -26.37 19.88 9.75
C LYS D 41 -24.89 20.24 9.73
N TRP D 42 -24.05 19.33 10.21
CA TRP D 42 -22.58 19.48 10.19
C TRP D 42 -21.99 18.23 9.56
N GLY D 43 -20.80 18.38 9.01
CA GLY D 43 -19.99 17.26 8.54
C GLY D 43 -19.31 16.56 9.68
N PRO D 44 -18.42 15.61 9.36
CA PRO D 44 -17.78 14.75 10.33
C PRO D 44 -16.79 15.43 11.31
N GLN D 45 -16.46 16.70 11.12
CA GLN D 45 -15.73 17.46 12.16
C GLN D 45 -16.68 18.00 13.24
N GLY D 46 -17.98 17.98 12.97
CA GLY D 46 -18.98 18.46 13.95
C GLY D 46 -19.06 19.97 13.97
N ASP D 47 -19.52 20.52 15.10
CA ASP D 47 -19.84 21.97 15.25
C ASP D 47 -18.79 22.59 16.18
N ARG D 48 -17.88 23.38 15.63
CA ARG D 48 -16.74 23.95 16.43
C ARG D 48 -17.25 24.97 17.46
N GLU D 49 -18.48 25.44 17.33
CA GLU D 49 -19.03 26.53 18.19
C GLU D 49 -19.82 25.99 19.39
N HIS D 50 -20.21 24.71 19.39
CA HIS D 50 -21.04 24.16 20.48
C HIS D 50 -20.16 23.76 21.66
N PRO D 51 -20.48 24.19 22.89
CA PRO D 51 -19.76 23.73 24.08
C PRO D 51 -19.85 22.21 24.29
N ASP D 52 -18.81 21.63 24.89
CA ASP D 52 -18.76 20.24 25.40
C ASP D 52 -19.53 20.18 26.73
N GLN D 53 -20.68 19.51 26.77
CA GLN D 53 -21.50 19.33 28.00
C GLN D 53 -21.49 17.87 28.45
N GLY D 54 -20.39 17.15 28.25
CA GLY D 54 -20.22 15.74 28.63
C GLY D 54 -20.18 14.81 27.42
N LEU D 55 -19.51 15.20 26.35
CA LEU D 55 -19.34 14.39 25.13
C LEU D 55 -18.57 13.10 25.44
N ILE D 56 -18.84 12.05 24.68
CA ILE D 56 -18.12 10.76 24.85
C ILE D 56 -16.64 10.95 24.45
N CYS D 57 -16.33 11.94 23.63
CA CYS D 57 -14.94 12.29 23.25
C CYS D 57 -14.71 13.79 23.49
N HIS D 58 -13.90 14.11 24.50
CA HIS D 58 -13.57 15.50 24.86
C HIS D 58 -12.57 16.11 23.87
N ASP D 59 -11.90 15.31 23.04
CA ASP D 59 -10.90 15.80 22.06
C ASP D 59 -11.51 16.04 20.68
N ALA D 60 -12.84 16.00 20.52
CA ALA D 60 -13.49 16.37 19.26
C ALA D 60 -14.77 17.15 19.55
N PHE D 61 -15.24 17.90 18.57
CA PHE D 61 -16.43 18.76 18.69
C PHE D 61 -17.67 17.87 18.75
N CYS D 62 -18.72 18.41 19.33
CA CYS D 62 -20.06 17.80 19.31
C CYS D 62 -20.46 17.59 17.86
N GLY D 63 -20.92 16.37 17.52
CA GLY D 63 -21.32 15.99 16.17
C GLY D 63 -20.17 15.52 15.31
N ALA D 64 -18.97 15.34 15.86
CA ALA D 64 -17.83 14.79 15.10
C ALA D 64 -17.94 13.24 15.05
N LEU D 65 -17.30 12.64 14.07
CA LEU D 65 -17.07 11.18 14.04
C LEU D 65 -15.90 10.84 14.94
N VAL D 66 -16.11 9.87 15.85
CA VAL D 66 -15.04 9.34 16.70
C VAL D 66 -15.09 7.82 16.62
N MET D 67 -14.11 7.18 17.24
CA MET D 67 -14.00 5.73 17.20
C MET D 67 -13.42 5.21 18.50
N LYS D 68 -13.66 3.92 18.70
CA LYS D 68 -12.97 3.10 19.70
C LYS D 68 -12.28 1.96 18.95
N ILE D 69 -11.13 1.57 19.48
CA ILE D 69 -10.43 0.34 19.05
C ILE D 69 -10.50 -0.65 20.21
N GLY D 70 -11.16 -1.80 20.01
CA GLY D 70 -11.53 -2.68 21.11
C GLY D 70 -12.20 -1.88 22.23
N ASN D 71 -11.66 -1.92 23.45
CA ASN D 71 -12.22 -1.21 24.63
C ASN D 71 -11.46 0.07 24.94
N SER D 72 -10.73 0.65 23.97
CA SER D 72 -10.03 1.93 24.13
C SER D 72 -11.02 3.03 24.52
N GLY D 73 -10.51 4.15 24.99
CA GLY D 73 -11.27 5.41 25.05
C GLY D 73 -11.54 5.89 23.63
N THR D 74 -12.35 6.90 23.50
CA THR D 74 -12.72 7.44 22.17
C THR D 74 -11.52 8.15 21.58
N ILE D 75 -11.41 8.06 20.25
CA ILE D 75 -10.32 8.62 19.43
C ILE D 75 -11.00 9.43 18.33
N PRO D 76 -10.63 10.71 18.17
CA PRO D 76 -11.21 11.54 17.09
C PRO D 76 -10.84 10.97 15.71
N VAL D 77 -11.83 10.94 14.82
CA VAL D 77 -11.66 10.56 13.40
C VAL D 77 -11.91 11.78 12.54
N ASN D 78 -13.00 12.52 12.83
CA ASN D 78 -13.34 13.72 12.04
C ASN D 78 -13.53 13.30 10.57
N THR D 79 -12.95 14.02 9.63
CA THR D 79 -13.08 13.74 8.18
C THR D 79 -12.27 12.49 7.81
N GLY D 80 -11.36 12.05 8.68
CA GLY D 80 -10.62 10.80 8.46
C GLY D 80 -9.20 10.91 8.93
N LEU D 81 -8.46 9.84 8.70
CA LEU D 81 -7.11 9.63 9.26
C LEU D 81 -6.28 9.14 8.09
N PHE D 82 -5.13 9.76 7.85
CA PHE D 82 -4.28 9.45 6.69
C PHE D 82 -3.05 8.68 7.16
N ARG D 83 -2.96 7.40 6.78
CA ARG D 83 -1.81 6.52 7.09
C ARG D 83 -1.44 6.68 8.54
N TRP D 84 -2.39 6.36 9.38
CA TRP D 84 -2.40 6.65 10.82
C TRP D 84 -2.03 5.38 11.57
N VAL D 85 -1.18 5.58 12.56
CA VAL D 85 -0.75 4.56 13.55
C VAL D 85 -1.23 5.05 14.91
N ALA D 86 -1.73 4.13 15.72
CA ALA D 86 -2.24 4.47 17.06
C ALA D 86 -1.05 4.99 17.90
N PRO D 87 -1.23 6.14 18.60
CA PRO D 87 -0.19 6.65 19.51
C PRO D 87 -0.04 5.80 20.79
N ASN D 88 -1.06 5.00 21.10
CA ASN D 88 -1.11 4.12 22.30
C ASN D 88 -1.06 2.65 21.84
N ASN D 89 -0.63 1.72 22.69
CA ASN D 89 -0.84 0.25 22.46
C ASN D 89 -2.32 -0.12 22.62
N VAL D 90 -3.11 0.12 21.58
CA VAL D 90 -4.53 -0.34 21.51
C VAL D 90 -4.67 -1.42 20.45
N GLN D 91 -5.67 -2.26 20.63
CA GLN D 91 -5.94 -3.41 19.74
C GLN D 91 -7.43 -3.75 19.76
N GLY D 92 -7.96 -4.19 18.61
CA GLY D 92 -9.28 -4.83 18.53
C GLY D 92 -10.13 -4.17 17.47
N ALA D 93 -11.40 -4.55 17.42
CA ALA D 93 -12.36 -4.10 16.38
C ALA D 93 -12.52 -2.59 16.49
N ILE D 94 -12.56 -1.90 15.35
CA ILE D 94 -12.92 -0.47 15.28
C ILE D 94 -14.44 -0.33 15.35
N THR D 95 -14.94 0.40 16.36
CA THR D 95 -16.32 0.90 16.44
C THR D 95 -16.34 2.38 16.12
N LEU D 96 -17.19 2.77 15.18
CA LEU D 96 -17.43 4.17 14.84
C LEU D 96 -18.62 4.71 15.63
N ILE D 97 -18.50 5.93 16.13
CA ILE D 97 -19.58 6.54 16.97
C ILE D 97 -19.72 8.03 16.66
N TYR D 98 -20.96 8.50 16.67
CA TYR D 98 -21.27 9.95 16.65
C TYR D 98 -20.97 10.55 18.01
N ASN D 99 -20.24 11.66 18.04
CA ASN D 99 -19.83 12.32 19.30
C ASN D 99 -21.00 13.15 19.84
N ASP D 100 -21.60 12.65 20.92
CA ASP D 100 -22.70 13.37 21.60
C ASP D 100 -22.63 13.04 23.08
N VAL D 101 -23.48 13.71 23.85
CA VAL D 101 -23.63 13.48 25.31
C VAL D 101 -24.52 12.25 25.48
N PRO D 102 -24.09 11.28 26.31
CA PRO D 102 -24.92 10.10 26.60
C PRO D 102 -26.31 10.55 27.05
N GLY D 103 -27.34 9.88 26.55
CA GLY D 103 -28.75 10.16 26.84
C GLY D 103 -29.33 11.27 26.01
N THR D 104 -28.55 11.91 25.12
CA THR D 104 -29.08 13.01 24.28
C THR D 104 -29.06 12.61 22.80
N TYR D 105 -29.04 11.32 22.46
CA TYR D 105 -28.96 10.87 21.05
C TYR D 105 -30.35 10.88 20.39
N GLY D 106 -31.44 11.06 21.16
CA GLY D 106 -32.82 10.96 20.62
C GLY D 106 -33.18 12.03 19.63
N ASN D 107 -32.59 13.23 19.74
CA ASN D 107 -32.89 14.34 18.80
C ASN D 107 -31.84 14.40 17.67
N ASN D 108 -30.99 13.41 17.54
CA ASN D 108 -29.96 13.34 16.47
C ASN D 108 -30.56 12.85 15.16
N SER D 109 -29.99 13.24 14.04
CA SER D 109 -30.42 12.77 12.72
C SER D 109 -29.23 12.77 11.75
N GLY D 110 -29.41 12.07 10.65
CA GLY D 110 -28.37 11.95 9.61
C GLY D 110 -27.36 10.89 9.97
N SER D 111 -26.31 10.80 9.18
CA SER D 111 -25.36 9.67 9.24
C SER D 111 -24.11 10.05 8.48
N PHE D 112 -23.02 9.35 8.76
CA PHE D 112 -21.76 9.50 8.02
C PHE D 112 -21.46 8.20 7.30
N SER D 113 -21.04 8.31 6.04
CA SER D 113 -20.49 7.21 5.24
C SER D 113 -18.99 7.16 5.52
N VAL D 114 -18.47 5.96 5.76
CA VAL D 114 -17.05 5.80 6.18
C VAL D 114 -16.42 4.64 5.40
N ASN D 115 -15.23 4.89 4.87
CA ASN D 115 -14.31 3.88 4.28
C ASN D 115 -13.09 3.72 5.19
N ILE D 116 -12.72 2.50 5.51
CA ILE D 116 -11.54 2.14 6.31
C ILE D 116 -10.74 1.11 5.53
N GLY D 117 -9.45 1.34 5.40
CA GLY D 117 -8.52 0.38 4.81
C GLY D 117 -7.24 0.29 5.60
N LYS D 118 -6.55 -0.83 5.54
CA LYS D 118 -5.18 -0.96 6.07
C LYS D 118 -4.20 -0.59 4.96
N ASP D 119 -3.17 0.16 5.30
CA ASP D 119 -2.13 0.61 4.35
C ASP D 119 -0.92 -0.30 4.46
N GLN D 120 0.05 -0.08 3.59
CA GLN D 120 1.36 -0.77 3.66
C GLN D 120 2.08 -0.35 4.92
N SER D 121 2.85 -1.27 5.50
CA SER D 121 3.60 -1.08 6.75
C SER D 121 4.81 -2.02 6.77
#